data_8HUJ
#
_entry.id   8HUJ
#
_cell.length_a   1.00
_cell.length_b   1.00
_cell.length_c   1.00
_cell.angle_alpha   90.00
_cell.angle_beta   90.00
_cell.angle_gamma   90.00
#
_symmetry.space_group_name_H-M   'P 1'
#
loop_
_entity.id
_entity.type
_entity.pdbx_description
1 polymer 'Eukaryotic initiation factor 4A-I'
2 polymer 'Eukaryotic translation initiation factor 4 gamma 1'
3 polymer 'IRES RNA (J-K-St)'
4 non-polymer 'MAGNESIUM ION'
5 water water
#
loop_
_entity_poly.entity_id
_entity_poly.type
_entity_poly.pdbx_seq_one_letter_code
_entity_poly.pdbx_strand_id
1 'polypeptide(L)'
;MGSSHHHHHHHHSSGLEVLFQGPSASQDSRSRDNGPDGMEPEGVIESNWNEIVDSFDDMNLSESLLRGIYAYGFEKPSAI
QQRAILPCIKGYDVIAQAQSGTGKTATFAISILQQIELDLKATQALVLAPTRELAQQIQKVVMALGDYMGASCHACIGGT
NVRAEVQKLQMEAPHIIVGTPGRVFDMLNRRYLSPKYIKMFVLDEADEMLSRGFKDQIYDIFQKLNSNTQVVLLSATMPS
DVLEVTKKFMRDPIRILVKKEELTLEGIRQFYINVEREEWKLDTLCDLYETLTITQAVIFINTRRKVDWLTEKMHARDFT
VSAMHGDMDQKERDVIMREFRSGSSRVLITTDLLARGIDVQQVSLVINYDLPTNRENYIHRIGRGGRFGRKGVAINMVTE
EDKRTLRDIETFYNTSIEEMPLNVADLI
;
A
2 'polypeptide(L)'
;MNHKVHHHHHHIEGRHMELGTLEDRGEEDADGSKTQDLFRRVRSILNKLTPQMFQQLMKQVTQLAIDTEERLKGVIDLIF
EKAISEPNFSVAYANMCRCLMALKVPTTEKPTVTVNFRKLLLNRCQKEFEKDKDDDEVFEKKQKEMDEAATAEERGRLKE
ELEEARDIARRRSLGNIKFIGELFKLKMLTEAIMHDCVVKLLKNHDEESLECLCRLLTTIGKDLDFEKAKPRMDQYFNQM
EKIIKEKKTSSRIRFMLQDVLDLRGSNWVP
;
B
3 'polyribonucleotide'
;GGGGCUGAAGGAUGCCCAGAAGGUACCCCAUUGUAUGGGAUCUGAUCUGGGGCCUCGGUGCACAUGCUUUACAUGUGUUU
AGUCGAGGUUAAAAAACGUCUAGGCCCC
;
C
#
loop_
_chem_comp.id
_chem_comp.type
_chem_comp.name
_chem_comp.formula
A RNA linking ADENOSINE-5'-MONOPHOSPHATE 'C10 H14 N5 O7 P'
C RNA linking CYTIDINE-5'-MONOPHOSPHATE 'C9 H14 N3 O8 P'
G RNA linking GUANOSINE-5'-MONOPHOSPHATE 'C10 H14 N5 O8 P'
MG non-polymer 'MAGNESIUM ION' 'Mg 2'
U RNA linking URIDINE-5'-MONOPHOSPHATE 'C9 H13 N2 O9 P'
#
# COMPACT_ATOMS: atom_id res chain seq x y z
N GLU A 46 -15.42 20.32 8.53
CA GLU A 46 -16.37 20.24 7.43
C GLU A 46 -15.81 20.91 6.18
N SER A 47 -16.71 21.39 5.33
CA SER A 47 -16.32 22.13 4.12
C SER A 47 -17.50 22.97 3.67
N ASN A 48 -17.29 24.29 3.60
CA ASN A 48 -18.33 25.17 3.07
C ASN A 48 -18.64 24.87 1.61
N TRP A 49 -17.70 24.24 0.90
CA TRP A 49 -17.93 23.79 -0.46
C TRP A 49 -18.53 22.39 -0.40
N ASN A 50 -19.70 22.23 -1.01
CA ASN A 50 -20.55 21.05 -0.79
C ASN A 50 -20.53 20.07 -1.96
N GLU A 51 -19.36 19.85 -2.57
CA GLU A 51 -19.21 18.82 -3.60
C GLU A 51 -18.23 17.78 -3.07
N ILE A 52 -18.76 16.65 -2.60
CA ILE A 52 -17.97 15.54 -2.10
C ILE A 52 -17.98 14.46 -3.18
N VAL A 53 -16.80 14.12 -3.68
CA VAL A 53 -16.66 13.24 -4.84
C VAL A 53 -16.31 11.83 -4.37
N ASP A 54 -16.72 10.85 -5.17
CA ASP A 54 -16.46 9.45 -4.85
C ASP A 54 -14.99 9.08 -5.13
N SER A 55 -14.56 9.26 -6.38
CA SER A 55 -13.24 8.80 -6.81
C SER A 55 -12.62 9.81 -7.77
N PHE A 56 -11.41 9.51 -8.22
CA PHE A 56 -10.70 10.38 -9.14
C PHE A 56 -11.30 10.36 -10.54
N ASP A 57 -12.06 9.32 -10.87
CA ASP A 57 -12.54 9.16 -12.24
C ASP A 57 -13.46 10.30 -12.66
N ASP A 58 -14.31 10.77 -11.74
CA ASP A 58 -15.26 11.81 -12.08
C ASP A 58 -14.67 13.21 -11.97
N MET A 59 -13.42 13.34 -11.51
CA MET A 59 -12.83 14.66 -11.27
C MET A 59 -12.40 15.37 -12.54
N ASN A 60 -12.64 14.78 -13.71
CA ASN A 60 -12.41 15.44 -15.00
C ASN A 60 -10.96 15.90 -15.14
N LEU A 61 -10.04 15.02 -14.79
CA LEU A 61 -8.61 15.29 -14.92
C LEU A 61 -8.14 15.02 -16.34
N SER A 62 -6.98 15.59 -16.67
CA SER A 62 -6.33 15.26 -17.93
C SER A 62 -5.79 13.83 -17.88
N GLU A 63 -5.77 13.19 -19.05
CA GLU A 63 -5.46 11.76 -19.11
C GLU A 63 -4.02 11.48 -18.68
N SER A 64 -3.08 12.34 -19.08
CA SER A 64 -1.69 12.13 -18.71
C SER A 64 -1.48 12.32 -17.21
N LEU A 65 -2.15 13.32 -16.63
CA LEU A 65 -2.09 13.49 -15.18
C LEU A 65 -2.68 12.27 -14.48
N LEU A 66 -3.74 11.70 -15.05
CA LEU A 66 -4.27 10.46 -14.50
C LEU A 66 -3.26 9.34 -14.60
N ARG A 67 -2.50 9.29 -15.69
CA ARG A 67 -1.49 8.24 -15.82
C ARG A 67 -0.42 8.38 -14.75
N GLY A 68 0.00 9.62 -14.49
CA GLY A 68 0.95 9.85 -13.41
C GLY A 68 0.40 9.44 -12.05
N ILE A 69 -0.83 9.87 -11.75
CA ILE A 69 -1.37 9.60 -10.42
C ILE A 69 -1.62 8.11 -10.22
N TYR A 70 -2.01 7.39 -11.27
CA TYR A 70 -2.23 5.96 -11.14
C TYR A 70 -0.93 5.18 -11.10
N ALA A 71 0.10 5.64 -11.83
CA ALA A 71 1.42 5.05 -11.69
C ALA A 71 1.95 5.23 -10.28
N TYR A 72 1.57 6.33 -9.61
CA TYR A 72 1.93 6.47 -8.21
C TYR A 72 1.23 5.40 -7.37
N GLY A 73 -0.08 5.23 -7.56
CA GLY A 73 -0.81 4.23 -6.81
C GLY A 73 -2.14 4.67 -6.22
N PHE A 74 -2.48 5.96 -6.33
CA PHE A 74 -3.72 6.46 -5.73
C PHE A 74 -4.93 5.74 -6.32
N GLU A 75 -5.81 5.26 -5.44
CA GLU A 75 -7.06 4.63 -5.87
C GLU A 75 -8.29 5.38 -5.38
N LYS A 76 -8.43 5.60 -4.08
CA LYS A 76 -9.60 6.26 -3.53
C LYS A 76 -9.18 7.53 -2.80
N PRO A 77 -9.84 8.65 -3.05
CA PRO A 77 -9.43 9.92 -2.43
C PRO A 77 -9.60 9.92 -0.93
N SER A 78 -8.70 10.64 -0.25
CA SER A 78 -8.92 11.00 1.13
C SER A 78 -9.89 12.17 1.23
N ALA A 79 -10.20 12.57 2.47
CA ALA A 79 -11.22 13.60 2.68
C ALA A 79 -10.83 14.90 1.97
N ILE A 80 -9.60 15.36 2.17
CA ILE A 80 -9.14 16.56 1.46
C ILE A 80 -9.05 16.28 -0.03
N GLN A 81 -8.66 15.06 -0.41
CA GLN A 81 -8.71 14.68 -1.82
C GLN A 81 -10.14 14.55 -2.31
N GLN A 82 -11.06 14.11 -1.46
CA GLN A 82 -12.45 13.97 -1.86
C GLN A 82 -13.07 15.33 -2.18
N ARG A 83 -12.81 16.33 -1.33
CA ARG A 83 -13.51 17.61 -1.43
C ARG A 83 -12.64 18.72 -2.01
N ALA A 84 -11.46 18.95 -1.45
CA ALA A 84 -10.69 20.15 -1.70
C ALA A 84 -9.94 20.13 -3.03
N ILE A 85 -10.27 19.24 -3.95
CA ILE A 85 -9.61 19.18 -5.25
C ILE A 85 -10.35 20.00 -6.29
N LEU A 86 -11.67 19.85 -6.40
CA LEU A 86 -12.44 20.58 -7.41
C LEU A 86 -12.36 22.09 -7.24
N PRO A 87 -12.46 22.67 -6.04
CA PRO A 87 -12.34 24.13 -5.92
C PRO A 87 -11.07 24.70 -6.52
N CYS A 88 -9.93 24.04 -6.37
CA CYS A 88 -8.69 24.58 -6.91
C CYS A 88 -8.50 24.29 -8.39
N ILE A 89 -9.26 23.34 -8.95
CA ILE A 89 -9.22 23.14 -10.40
C ILE A 89 -9.91 24.29 -11.11
N LYS A 90 -11.06 24.72 -10.59
CA LYS A 90 -11.85 25.75 -11.27
C LYS A 90 -11.14 27.10 -11.24
N GLY A 91 -10.32 27.36 -10.23
CA GLY A 91 -9.60 28.62 -10.11
C GLY A 91 -9.89 29.40 -8.85
N TYR A 92 -10.66 28.87 -7.91
CA TYR A 92 -10.99 29.60 -6.70
C TYR A 92 -9.81 29.63 -5.73
N ASP A 93 -9.86 30.61 -4.82
CA ASP A 93 -8.83 30.74 -3.79
C ASP A 93 -9.28 29.99 -2.54
N VAL A 94 -8.42 29.13 -2.00
CA VAL A 94 -8.83 28.12 -1.04
C VAL A 94 -7.94 28.20 0.20
N ILE A 95 -8.58 28.14 1.38
CA ILE A 95 -7.90 27.89 2.64
C ILE A 95 -8.25 26.47 3.09
N ALA A 96 -7.25 25.75 3.58
CA ALA A 96 -7.44 24.35 3.94
C ALA A 96 -6.66 24.03 5.21
N GLN A 97 -7.12 23.01 5.92
CA GLN A 97 -6.46 22.58 7.15
C GLN A 97 -6.62 21.06 7.28
N ALA A 98 -5.51 20.34 7.20
CA ALA A 98 -5.52 18.88 7.29
C ALA A 98 -4.17 18.39 7.79
N GLN A 99 -4.09 17.08 8.01
CA GLN A 99 -2.87 16.47 8.51
C GLN A 99 -1.78 16.45 7.44
N SER A 100 -0.54 16.62 7.90
CA SER A 100 0.61 16.72 6.96
C SER A 100 1.15 15.34 6.59
N GLY A 101 1.42 15.13 5.30
CA GLY A 101 2.00 13.91 4.83
C GLY A 101 1.03 12.81 4.46
N THR A 102 -0.27 13.02 4.66
CA THR A 102 -1.28 12.00 4.39
C THR A 102 -2.02 12.27 3.08
N GLY A 103 -1.32 12.77 2.07
CA GLY A 103 -1.96 13.14 0.83
C GLY A 103 -2.55 14.53 0.81
N LYS A 104 -2.35 15.32 1.87
CA LYS A 104 -2.85 16.68 1.90
C LYS A 104 -2.22 17.53 0.80
N THR A 105 -0.90 17.38 0.61
CA THR A 105 -0.24 18.09 -0.48
C THR A 105 -0.64 17.53 -1.84
N ALA A 106 -1.02 16.24 -1.88
CA ALA A 106 -1.36 15.61 -3.15
C ALA A 106 -2.56 16.28 -3.81
N THR A 107 -3.51 16.75 -3.01
CA THR A 107 -4.70 17.38 -3.58
C THR A 107 -4.34 18.59 -4.42
N PHE A 108 -3.56 19.52 -3.85
CA PHE A 108 -3.18 20.67 -4.63
C PHE A 108 -2.14 20.30 -5.69
N ALA A 109 -1.43 19.18 -5.52
CA ALA A 109 -0.59 18.71 -6.61
C ALA A 109 -1.44 18.39 -7.85
N ILE A 110 -2.52 17.62 -7.66
CA ILE A 110 -3.44 17.36 -8.77
C ILE A 110 -3.98 18.67 -9.33
N SER A 111 -4.48 19.53 -8.45
CA SER A 111 -5.11 20.76 -8.95
C SER A 111 -4.14 21.61 -9.74
N ILE A 112 -2.96 21.86 -9.19
CA ILE A 112 -1.98 22.73 -9.84
C ILE A 112 -1.54 22.12 -11.17
N LEU A 113 -1.14 20.85 -11.14
CA LEU A 113 -0.70 20.21 -12.37
C LEU A 113 -1.79 20.18 -13.43
N GLN A 114 -3.06 20.16 -13.02
CA GLN A 114 -4.15 20.29 -13.98
C GLN A 114 -4.20 21.69 -14.57
N GLN A 115 -4.05 22.71 -13.71
CA GLN A 115 -4.11 24.08 -14.20
C GLN A 115 -2.87 24.50 -15.00
N ILE A 116 -1.74 23.83 -14.79
CA ILE A 116 -0.52 24.23 -15.50
C ILE A 116 -0.71 24.06 -17.00
N GLU A 117 -0.28 25.06 -17.75
CA GLU A 117 -0.23 24.94 -19.20
C GLU A 117 1.08 24.27 -19.60
N LEU A 118 0.97 23.21 -20.39
CA LEU A 118 2.14 22.40 -20.73
C LEU A 118 3.05 23.07 -21.74
N ASP A 119 2.50 23.85 -22.67
CA ASP A 119 3.27 24.40 -23.77
C ASP A 119 4.33 25.39 -23.29
N LEU A 120 3.93 26.34 -22.44
CA LEU A 120 4.83 27.41 -22.06
C LEU A 120 5.87 26.92 -21.08
N LYS A 121 7.14 27.19 -21.37
CA LYS A 121 8.25 26.83 -20.50
C LYS A 121 8.54 28.01 -19.59
N ALA A 122 7.85 28.04 -18.45
CA ALA A 122 8.00 29.12 -17.48
C ALA A 122 7.45 28.63 -16.15
N THR A 123 7.59 29.48 -15.12
CA THR A 123 7.10 29.19 -13.78
C THR A 123 5.74 29.84 -13.62
N GLN A 124 4.69 29.03 -13.54
CA GLN A 124 3.33 29.53 -13.42
C GLN A 124 2.77 29.46 -12.01
N ALA A 125 3.49 28.86 -11.07
CA ALA A 125 2.96 28.70 -9.72
C ALA A 125 4.10 28.64 -8.72
N LEU A 126 3.89 29.26 -7.56
CA LEU A 126 4.82 29.18 -6.44
C LEU A 126 4.25 28.27 -5.37
N VAL A 127 5.13 27.49 -4.72
CA VAL A 127 4.77 26.67 -3.57
C VAL A 127 5.78 26.97 -2.46
N LEU A 128 5.29 27.15 -1.25
CA LEU A 128 6.12 27.55 -0.12
C LEU A 128 5.86 26.62 1.04
N ALA A 129 6.88 25.83 1.40
CA ALA A 129 6.88 24.80 2.43
C ALA A 129 7.55 25.29 3.71
N PRO A 130 7.21 24.71 4.87
CA PRO A 130 7.82 25.17 6.12
C PRO A 130 9.33 24.91 6.20
N THR A 131 9.87 24.03 5.38
CA THR A 131 11.28 23.71 5.45
C THR A 131 11.77 23.40 4.03
N ARG A 132 12.98 22.83 3.93
CA ARG A 132 13.61 22.53 2.65
C ARG A 132 13.53 21.05 2.30
N GLU A 133 13.62 20.16 3.29
CA GLU A 133 13.58 18.73 2.99
C GLU A 133 12.17 18.26 2.66
N LEU A 134 11.16 18.79 3.37
CA LEU A 134 9.78 18.51 2.99
C LEU A 134 9.45 19.12 1.63
N ALA A 135 10.11 20.22 1.28
CA ALA A 135 10.00 20.74 -0.08
C ALA A 135 10.56 19.75 -1.10
N GLN A 136 11.69 19.12 -0.77
CA GLN A 136 12.23 18.10 -1.66
C GLN A 136 11.27 16.92 -1.79
N GLN A 137 10.67 16.50 -0.67
CA GLN A 137 9.71 15.41 -0.70
C GLN A 137 8.49 15.75 -1.56
N ILE A 138 7.98 16.98 -1.43
CA ILE A 138 6.80 17.37 -2.19
C ILE A 138 7.15 17.50 -3.67
N GLN A 139 8.35 17.98 -3.99
CA GLN A 139 8.77 17.99 -5.39
C GLN A 139 8.84 16.58 -5.95
N LYS A 140 9.38 15.65 -5.17
CA LYS A 140 9.47 14.26 -5.63
C LYS A 140 8.08 13.67 -5.84
N VAL A 141 7.14 13.95 -4.92
CA VAL A 141 5.81 13.38 -5.06
C VAL A 141 5.06 14.01 -6.23
N VAL A 142 5.34 15.28 -6.54
CA VAL A 142 4.77 15.87 -7.75
C VAL A 142 5.35 15.19 -8.99
N MET A 143 6.66 14.91 -8.97
CA MET A 143 7.25 14.14 -10.06
C MET A 143 6.60 12.76 -10.17
N ALA A 144 6.17 12.19 -9.04
CA ALA A 144 5.46 10.91 -9.08
C ALA A 144 4.12 11.04 -9.80
N LEU A 145 3.51 12.23 -9.76
CA LEU A 145 2.22 12.47 -10.40
C LEU A 145 2.36 13.22 -11.72
N GLY A 146 3.58 13.44 -12.19
CA GLY A 146 3.78 14.23 -13.39
C GLY A 146 4.87 13.72 -14.31
N ASP A 147 5.33 12.48 -14.08
CA ASP A 147 6.35 11.92 -14.96
C ASP A 147 5.82 11.74 -16.38
N TYR A 148 4.51 11.57 -16.52
CA TYR A 148 3.89 11.47 -17.83
C TYR A 148 3.46 12.82 -18.39
N MET A 149 3.56 13.88 -17.60
CA MET A 149 3.17 15.22 -18.02
C MET A 149 4.14 15.84 -19.03
N GLY A 150 5.44 15.63 -18.84
CA GLY A 150 6.44 16.39 -19.55
C GLY A 150 6.76 17.72 -18.91
N ALA A 151 6.10 18.07 -17.82
CA ALA A 151 6.33 19.34 -17.14
C ALA A 151 7.63 19.26 -16.32
N SER A 152 7.86 20.29 -15.50
CA SER A 152 9.06 20.37 -14.69
C SER A 152 8.75 21.04 -13.36
N CYS A 153 9.29 20.49 -12.28
CA CYS A 153 9.20 21.09 -10.95
C CYS A 153 10.60 21.22 -10.38
N HIS A 154 10.77 22.20 -9.49
CA HIS A 154 12.06 22.47 -8.86
C HIS A 154 11.86 22.67 -7.36
N ALA A 155 12.95 22.57 -6.62
CA ALA A 155 12.95 22.77 -5.17
C ALA A 155 14.09 23.73 -4.85
N CYS A 156 13.77 25.02 -4.73
CA CYS A 156 14.77 26.05 -4.41
C CYS A 156 15.06 25.97 -2.92
N ILE A 157 16.27 25.56 -2.56
CA ILE A 157 16.62 25.32 -1.18
C ILE A 157 17.89 26.08 -0.82
N GLY A 158 18.06 26.33 0.47
CA GLY A 158 19.23 27.04 0.96
C GLY A 158 20.47 26.17 0.98
N GLY A 159 21.59 26.81 1.30
CA GLY A 159 22.87 26.13 1.28
C GLY A 159 23.28 25.66 -0.10
N THR A 160 23.08 26.50 -1.12
CA THR A 160 23.38 26.14 -2.50
C THR A 160 24.04 27.32 -3.20
N ASN A 161 24.75 27.00 -4.28
CA ASN A 161 25.47 28.01 -5.05
C ASN A 161 24.48 28.87 -5.84
N VAL A 162 24.53 30.18 -5.61
CA VAL A 162 23.51 31.08 -6.16
C VAL A 162 23.57 31.11 -7.69
N ARG A 163 24.76 31.23 -8.26
CA ARG A 163 24.87 31.30 -9.72
C ARG A 163 24.50 29.96 -10.37
N ALA A 164 24.70 28.85 -9.65
CA ALA A 164 24.25 27.56 -10.16
C ALA A 164 22.73 27.57 -10.34
N GLU A 165 22.00 28.07 -9.34
CA GLU A 165 20.55 28.19 -9.47
C GLU A 165 20.18 29.18 -10.56
N VAL A 166 20.93 30.27 -10.70
CA VAL A 166 20.66 31.24 -11.76
C VAL A 166 20.73 30.55 -13.13
N GLN A 167 21.79 29.77 -13.36
CA GLN A 167 21.93 29.08 -14.64
C GLN A 167 20.85 28.01 -14.80
N LYS A 168 20.51 27.30 -13.73
CA LYS A 168 19.48 26.27 -13.84
C LYS A 168 18.13 26.87 -14.20
N LEU A 169 17.79 28.03 -13.63
CA LEU A 169 16.55 28.70 -14.00
C LEU A 169 16.63 29.28 -15.41
N GLN A 170 17.80 29.76 -15.83
CA GLN A 170 17.93 30.32 -17.16
C GLN A 170 17.76 29.25 -18.24
N MET A 171 18.36 28.08 -18.04
CA MET A 171 18.28 27.04 -19.05
C MET A 171 16.86 26.54 -19.25
N GLU A 172 16.10 26.41 -18.16
CA GLU A 172 14.73 25.92 -18.24
C GLU A 172 14.01 26.30 -16.96
N ALA A 173 12.91 27.05 -17.08
CA ALA A 173 12.12 27.44 -15.92
C ALA A 173 11.09 26.36 -15.65
N PRO A 174 11.15 25.67 -14.51
CA PRO A 174 10.17 24.63 -14.22
C PRO A 174 8.77 25.21 -14.08
N HIS A 175 7.76 24.40 -14.41
CA HIS A 175 6.39 24.88 -14.38
C HIS A 175 5.93 25.21 -12.97
N ILE A 176 6.50 24.57 -11.95
CA ILE A 176 6.19 24.88 -10.56
C ILE A 176 7.47 24.84 -9.74
N ILE A 177 7.45 25.52 -8.60
CA ILE A 177 8.60 25.62 -7.72
C ILE A 177 8.12 25.52 -6.28
N VAL A 178 8.84 24.72 -5.48
CA VAL A 178 8.57 24.60 -4.05
C VAL A 178 9.75 25.19 -3.30
N GLY A 179 9.54 25.52 -2.03
CA GLY A 179 10.61 26.10 -1.25
C GLY A 179 10.11 26.62 0.08
N THR A 180 10.90 27.50 0.71
CA THR A 180 10.57 28.08 2.03
C THR A 180 10.52 29.60 1.88
N PRO A 181 9.54 30.31 2.47
CA PRO A 181 9.37 31.75 2.21
C PRO A 181 10.64 32.62 2.33
N GLY A 182 11.51 32.36 3.31
CA GLY A 182 12.66 33.26 3.49
C GLY A 182 13.63 33.16 2.33
N ARG A 183 14.13 31.97 2.02
CA ARG A 183 15.11 31.82 0.95
C ARG A 183 14.43 31.93 -0.41
N VAL A 184 13.13 31.60 -0.49
CA VAL A 184 12.38 31.83 -1.71
C VAL A 184 12.38 33.32 -2.06
N PHE A 185 12.13 34.19 -1.08
CA PHE A 185 12.20 35.62 -1.36
C PHE A 185 13.62 36.04 -1.67
N ASP A 186 14.59 35.53 -0.92
CA ASP A 186 16.00 35.87 -1.17
C ASP A 186 16.42 35.46 -2.59
N MET A 187 15.78 34.43 -3.13
CA MET A 187 16.07 33.96 -4.48
C MET A 187 15.32 34.77 -5.52
N LEU A 188 14.07 35.13 -5.23
CA LEU A 188 13.22 35.80 -6.22
C LEU A 188 13.59 37.27 -6.39
N ASN A 189 13.94 37.95 -5.30
CA ASN A 189 14.12 39.41 -5.35
C ASN A 189 15.21 39.81 -6.33
N ARG A 190 16.20 38.96 -6.54
CA ARG A 190 17.27 39.26 -7.48
C ARG A 190 16.90 38.97 -8.92
N ARG A 191 15.62 38.83 -9.25
CA ARG A 191 15.11 38.65 -10.60
C ARG A 191 15.63 37.36 -11.25
N TYR A 192 15.97 36.35 -10.45
CA TYR A 192 16.41 35.09 -11.03
C TYR A 192 15.25 34.24 -11.52
N LEU A 193 14.02 34.58 -11.14
CA LEU A 193 12.84 33.92 -11.69
C LEU A 193 11.91 34.95 -12.33
N SER A 194 10.73 34.49 -12.73
CA SER A 194 9.73 35.32 -13.39
C SER A 194 8.50 35.43 -12.49
N PRO A 195 8.35 36.54 -11.75
CA PRO A 195 7.14 36.71 -10.92
C PRO A 195 5.94 37.20 -11.72
N LYS A 196 6.02 37.09 -13.05
CA LYS A 196 4.95 37.55 -13.93
C LYS A 196 3.98 36.42 -14.27
N TYR A 197 4.48 35.33 -14.85
CA TYR A 197 3.63 34.24 -15.32
C TYR A 197 3.00 33.43 -14.19
N ILE A 198 3.43 33.64 -12.95
CA ILE A 198 2.97 32.84 -11.82
C ILE A 198 1.51 33.17 -11.56
N LYS A 199 0.63 32.17 -11.68
CA LYS A 199 -0.81 32.37 -11.55
C LYS A 199 -1.44 31.56 -10.43
N MET A 200 -0.65 30.78 -9.67
CA MET A 200 -1.14 30.11 -8.46
C MET A 200 -0.07 30.17 -7.37
N PHE A 201 -0.37 30.94 -6.33
CA PHE A 201 0.49 31.04 -5.15
C PHE A 201 0.01 30.05 -4.10
N VAL A 202 0.96 29.31 -3.50
CA VAL A 202 0.54 28.21 -2.58
C VAL A 202 1.31 28.32 -1.28
N LEU A 203 0.60 28.27 -0.15
CA LEU A 203 1.29 28.16 1.15
C LEU A 203 0.90 26.82 1.77
N ASP A 204 1.90 26.08 2.25
CA ASP A 204 1.58 24.81 2.94
C ASP A 204 2.23 24.86 4.32
N GLU A 205 1.50 24.42 5.34
CA GLU A 205 2.00 24.53 6.74
C GLU A 205 2.26 25.99 7.10
N ALA A 206 1.26 26.85 6.94
CA ALA A 206 1.38 28.27 7.33
C ALA A 206 1.60 28.39 8.85
N ASP A 207 0.97 27.52 9.64
CA ASP A 207 1.20 27.60 11.10
C ASP A 207 2.72 27.44 11.33
N GLU A 208 3.38 26.52 10.62
CA GLU A 208 4.85 26.34 10.75
C GLU A 208 5.59 27.60 10.25
N MET A 209 5.13 28.22 9.16
CA MET A 209 5.76 29.49 8.68
C MET A 209 5.56 30.57 9.74
N LEU A 210 4.38 30.62 10.36
CA LEU A 210 4.11 31.62 11.43
C LEU A 210 5.07 31.35 12.59
N SER A 211 5.32 30.07 12.89
CA SER A 211 6.28 29.73 13.97
C SER A 211 7.66 30.30 13.59
N ARG A 212 8.05 30.19 12.32
CA ARG A 212 9.34 30.78 11.85
C ARG A 212 9.30 32.30 11.99
N GLY A 213 8.10 32.89 12.05
CA GLY A 213 7.98 34.35 12.13
C GLY A 213 8.36 35.05 10.83
N PHE A 214 7.89 34.54 9.70
CA PHE A 214 8.16 35.20 8.39
C PHE A 214 6.88 35.82 7.82
N LYS A 215 6.05 36.39 8.69
CA LYS A 215 4.80 37.04 8.22
C LYS A 215 5.14 38.20 7.27
N ASP A 216 6.12 39.03 7.64
CA ASP A 216 6.53 40.13 6.73
C ASP A 216 7.15 39.53 5.46
N GLN A 217 7.85 38.40 5.58
CA GLN A 217 8.51 37.83 4.38
C GLN A 217 7.45 37.43 3.35
N ILE A 218 6.40 36.73 3.77
CA ILE A 218 5.31 36.39 2.83
C ILE A 218 4.59 37.66 2.38
N TYR A 219 4.50 38.66 3.26
CA TYR A 219 3.88 39.95 2.91
C TYR A 219 4.59 40.51 1.66
N ASP A 220 5.93 40.49 1.65
CA ASP A 220 6.67 41.02 0.52
C ASP A 220 6.55 40.10 -0.69
N ILE A 221 6.52 38.79 -0.47
CA ILE A 221 6.37 37.86 -1.58
C ILE A 221 5.04 38.09 -2.29
N PHE A 222 3.96 38.29 -1.52
CA PHE A 222 2.69 38.63 -2.15
C PHE A 222 2.77 39.98 -2.85
N GLN A 223 3.43 40.95 -2.22
CA GLN A 223 3.55 42.28 -2.84
C GLN A 223 4.29 42.23 -4.17
N LYS A 224 5.19 41.26 -4.35
CA LYS A 224 5.92 41.16 -5.61
C LYS A 224 5.06 40.59 -6.74
N LEU A 225 4.17 39.64 -6.44
CA LEU A 225 3.45 38.92 -7.47
C LEU A 225 2.24 39.71 -7.96
N ASN A 226 1.44 39.09 -8.82
CA ASN A 226 0.38 39.78 -9.55
C ASN A 226 -0.85 39.96 -8.66
N SER A 227 -1.97 40.38 -9.27
CA SER A 227 -3.17 40.74 -8.53
C SER A 227 -4.23 39.64 -8.56
N ASN A 228 -4.64 39.21 -9.75
CA ASN A 228 -5.77 38.31 -9.91
C ASN A 228 -5.36 36.84 -9.99
N THR A 229 -4.23 36.48 -9.40
CA THR A 229 -3.76 35.11 -9.46
C THR A 229 -4.42 34.26 -8.38
N GLN A 230 -4.56 32.97 -8.67
CA GLN A 230 -5.17 32.05 -7.71
C GLN A 230 -4.27 31.88 -6.48
N VAL A 231 -4.89 31.73 -5.32
CA VAL A 231 -4.17 31.62 -4.06
C VAL A 231 -4.75 30.46 -3.25
N VAL A 232 -3.87 29.58 -2.77
CA VAL A 232 -4.27 28.50 -1.88
C VAL A 232 -3.29 28.44 -0.71
N LEU A 233 -3.85 28.35 0.50
CA LEU A 233 -3.07 28.27 1.72
C LEU A 233 -3.62 27.12 2.55
N LEU A 234 -2.74 26.24 3.02
CA LEU A 234 -3.13 25.17 3.91
C LEU A 234 -2.28 25.17 5.17
N SER A 235 -2.87 24.71 6.26
CA SER A 235 -2.24 24.74 7.57
C SER A 235 -2.53 23.44 8.30
N ALA A 236 -1.70 23.12 9.31
CA ALA A 236 -1.95 21.94 10.12
C ALA A 236 -3.12 22.15 11.06
N THR A 237 -3.21 23.35 11.66
CA THR A 237 -4.31 23.72 12.54
C THR A 237 -4.91 25.04 12.04
N MET A 238 -5.82 25.60 12.83
CA MET A 238 -6.55 26.82 12.46
C MET A 238 -6.32 27.93 13.49
N PRO A 239 -5.07 28.39 13.64
CA PRO A 239 -4.78 29.41 14.66
C PRO A 239 -5.23 30.80 14.23
N SER A 240 -5.10 31.77 15.12
CA SER A 240 -5.57 33.12 14.83
C SER A 240 -4.70 33.84 13.82
N ASP A 241 -3.39 33.58 13.83
CA ASP A 241 -2.50 34.25 12.88
C ASP A 241 -2.79 33.84 11.45
N VAL A 242 -3.00 32.54 11.21
CA VAL A 242 -3.35 32.09 9.86
C VAL A 242 -4.69 32.69 9.43
N LEU A 243 -5.65 32.75 10.35
CA LEU A 243 -6.93 33.36 10.04
C LEU A 243 -6.77 34.85 9.70
N GLU A 244 -5.84 35.54 10.36
CA GLU A 244 -5.54 36.91 9.98
C GLU A 244 -4.92 36.98 8.60
N VAL A 245 -4.05 36.02 8.27
CA VAL A 245 -3.46 35.96 6.93
C VAL A 245 -4.54 35.75 5.88
N THR A 246 -5.62 35.05 6.23
CA THR A 246 -6.70 34.81 5.27
C THR A 246 -7.29 36.12 4.77
N LYS A 247 -7.67 37.01 5.69
CA LYS A 247 -8.37 38.24 5.32
C LYS A 247 -7.46 39.30 4.72
N LYS A 248 -6.15 39.11 4.77
CA LYS A 248 -5.20 40.08 4.24
C LYS A 248 -4.90 39.88 2.76
N PHE A 249 -4.77 38.64 2.30
CA PHE A 249 -4.28 38.35 0.96
C PHE A 249 -5.27 37.56 0.13
N MET A 250 -5.81 36.48 0.69
CA MET A 250 -6.71 35.59 -0.05
C MET A 250 -8.12 36.15 0.00
N ARG A 251 -8.73 36.34 -1.17
CA ARG A 251 -10.05 36.94 -1.27
C ARG A 251 -11.12 35.86 -1.28
N ASP A 252 -12.24 36.15 -0.60
CA ASP A 252 -13.42 35.29 -0.53
C ASP A 252 -13.03 33.85 -0.20
N PRO A 253 -12.64 33.57 1.04
CA PRO A 253 -12.08 32.26 1.36
C PRO A 253 -13.08 31.12 1.19
N ILE A 254 -12.56 29.99 0.75
CA ILE A 254 -13.29 28.72 0.75
C ILE A 254 -12.56 27.81 1.73
N ARG A 255 -13.28 27.37 2.77
CA ARG A 255 -12.66 26.77 3.95
C ARG A 255 -12.77 25.25 3.89
N ILE A 256 -11.63 24.58 4.05
CA ILE A 256 -11.58 23.13 4.17
C ILE A 256 -11.16 22.81 5.60
N LEU A 257 -12.06 22.22 6.37
CA LEU A 257 -11.79 21.82 7.76
C LEU A 257 -11.83 20.30 7.82
N VAL A 258 -10.66 19.69 7.70
CA VAL A 258 -10.54 18.24 7.78
C VAL A 258 -10.35 17.84 9.23
N LYS A 259 -11.13 16.86 9.67
CA LYS A 259 -11.12 16.41 11.06
C LYS A 259 -10.14 15.24 11.20
N LYS A 260 -9.03 15.48 11.88
CA LYS A 260 -8.08 14.41 12.16
C LYS A 260 -8.64 13.48 13.24
N GLU A 261 -8.51 12.18 13.02
CA GLU A 261 -9.03 11.19 13.95
C GLU A 261 -8.02 10.08 14.15
N GLU A 262 -8.09 9.44 15.33
CA GLU A 262 -7.19 8.34 15.65
C GLU A 262 -7.88 7.18 16.36
N LEU A 263 -9.19 7.22 16.54
CA LEU A 263 -9.91 6.19 17.29
C LEU A 263 -10.70 5.31 16.32
N THR A 264 -10.21 4.09 16.12
CA THR A 264 -10.91 3.05 15.38
C THR A 264 -10.81 1.74 16.13
N LEU A 265 -11.10 1.77 17.43
CA LEU A 265 -10.79 0.64 18.31
C LEU A 265 -11.56 -0.60 17.90
N GLU A 266 -12.85 -0.45 17.60
CA GLU A 266 -13.69 -1.63 17.34
C GLU A 266 -13.39 -2.26 15.99
N GLY A 267 -12.81 -1.53 15.05
CA GLY A 267 -12.48 -2.10 13.76
C GLY A 267 -11.45 -3.21 13.87
N ILE A 268 -10.48 -3.05 14.76
CA ILE A 268 -9.39 -4.01 14.94
C ILE A 268 -9.66 -4.85 16.18
N ARG A 269 -9.42 -6.16 16.06
CA ARG A 269 -9.54 -7.07 17.17
C ARG A 269 -8.21 -7.22 17.90
N GLN A 270 -8.27 -7.35 19.22
CA GLN A 270 -7.09 -7.49 20.06
C GLN A 270 -7.27 -8.71 20.97
N PHE A 271 -6.41 -9.70 20.81
CA PHE A 271 -6.42 -10.88 21.65
C PHE A 271 -5.19 -10.88 22.56
N TYR A 272 -5.25 -11.70 23.60
CA TYR A 272 -4.15 -11.86 24.53
C TYR A 272 -3.87 -13.34 24.75
N ILE A 273 -2.61 -13.64 25.05
CA ILE A 273 -2.18 -15.01 25.32
C ILE A 273 -1.71 -15.08 26.77
N ASN A 274 -2.24 -16.07 27.50
CA ASN A 274 -1.94 -16.22 28.92
C ASN A 274 -0.67 -17.04 29.13
N VAL A 275 0.43 -16.53 28.57
CA VAL A 275 1.75 -17.11 28.81
C VAL A 275 2.35 -16.39 30.01
N GLU A 276 2.85 -17.16 30.98
CA GLU A 276 3.22 -16.58 32.26
C GLU A 276 4.73 -16.51 32.48
N ARG A 277 5.52 -17.27 31.73
CA ARG A 277 6.96 -17.33 31.95
C ARG A 277 7.67 -16.61 30.81
N GLU A 278 8.63 -15.76 31.17
CA GLU A 278 9.32 -14.94 30.17
C GLU A 278 10.06 -15.82 29.16
N GLU A 279 10.68 -16.90 29.63
CA GLU A 279 11.38 -17.80 28.72
C GLU A 279 10.42 -18.45 27.73
N TRP A 280 9.16 -18.61 28.12
CA TRP A 280 8.19 -19.21 27.19
C TRP A 280 7.60 -18.21 26.22
N LYS A 281 7.99 -16.93 26.29
CA LYS A 281 7.47 -15.96 25.35
C LYS A 281 7.90 -16.29 23.91
N LEU A 282 9.16 -16.70 23.75
CA LEU A 282 9.64 -17.05 22.42
C LEU A 282 8.95 -18.30 21.89
N ASP A 283 8.70 -19.28 22.76
CA ASP A 283 7.93 -20.45 22.37
C ASP A 283 6.52 -20.05 21.97
N THR A 284 5.95 -19.07 22.67
CA THR A 284 4.62 -18.58 22.31
C THR A 284 4.62 -17.95 20.93
N LEU A 285 5.66 -17.17 20.63
CA LEU A 285 5.77 -16.60 19.29
C LEU A 285 5.91 -17.69 18.23
N CYS A 286 6.69 -18.74 18.54
CA CYS A 286 6.82 -19.85 17.62
C CYS A 286 5.48 -20.53 17.37
N ASP A 287 4.70 -20.73 18.44
CA ASP A 287 3.38 -21.31 18.27
C ASP A 287 2.47 -20.43 17.43
N LEU A 288 2.54 -19.11 17.64
CA LEU A 288 1.76 -18.19 16.83
C LEU A 288 2.12 -18.33 15.36
N TYR A 289 3.41 -18.38 15.05
CA TYR A 289 3.82 -18.57 13.67
C TYR A 289 3.47 -19.95 13.15
N GLU A 290 3.28 -20.91 14.04
CA GLU A 290 2.88 -22.26 13.64
C GLU A 290 1.38 -22.40 13.47
N THR A 291 0.59 -21.44 13.92
CA THR A 291 -0.87 -21.63 13.86
C THR A 291 -1.58 -20.40 13.28
N LEU A 292 -0.87 -19.54 12.55
CA LEU A 292 -1.50 -18.37 11.96
C LEU A 292 -0.97 -18.15 10.55
N THR A 293 -1.77 -17.45 9.75
CA THR A 293 -1.43 -17.17 8.36
C THR A 293 -0.79 -15.79 8.26
N ILE A 294 0.45 -15.72 8.74
CA ILE A 294 1.14 -14.46 8.92
C ILE A 294 1.72 -14.00 7.59
N THR A 295 1.34 -12.79 7.16
CA THR A 295 2.00 -12.19 6.00
C THR A 295 3.26 -11.44 6.43
N GLN A 296 3.10 -10.40 7.24
CA GLN A 296 4.21 -9.69 7.87
C GLN A 296 3.81 -9.36 9.29
N ALA A 297 4.81 -9.17 10.14
CA ALA A 297 4.55 -8.96 11.56
C ALA A 297 5.40 -7.82 12.10
N VAL A 298 4.82 -7.08 13.03
CA VAL A 298 5.52 -6.01 13.73
C VAL A 298 5.66 -6.40 15.20
N ILE A 299 6.89 -6.46 15.67
CA ILE A 299 7.23 -6.93 17.01
C ILE A 299 7.56 -5.69 17.82
N PHE A 300 6.76 -5.39 18.86
CA PHE A 300 7.05 -4.22 19.66
C PHE A 300 7.75 -4.58 20.95
N ILE A 301 8.89 -3.94 21.20
CA ILE A 301 9.67 -4.14 22.42
C ILE A 301 9.99 -2.77 23.00
N ASN A 302 9.69 -2.59 24.28
CA ASN A 302 9.88 -1.28 24.91
C ASN A 302 11.36 -0.96 25.12
N THR A 303 12.11 -1.93 25.62
CA THR A 303 13.50 -1.69 26.01
C THR A 303 14.43 -1.84 24.81
N ARG A 304 15.73 -1.90 25.07
CA ARG A 304 16.74 -2.05 24.02
C ARG A 304 17.43 -3.40 24.03
N ARG A 305 17.81 -3.92 25.21
CA ARG A 305 18.52 -5.18 25.28
C ARG A 305 17.68 -6.32 24.71
N LYS A 306 16.38 -6.34 25.05
CA LYS A 306 15.51 -7.39 24.55
C LYS A 306 15.43 -7.37 23.03
N VAL A 307 15.59 -6.19 22.41
CA VAL A 307 15.50 -6.11 20.96
C VAL A 307 16.59 -6.96 20.31
N ASP A 308 17.85 -6.76 20.73
CA ASP A 308 18.93 -7.54 20.14
C ASP A 308 18.88 -8.99 20.61
N TRP A 309 18.47 -9.22 21.86
CA TRP A 309 18.33 -10.59 22.35
C TRP A 309 17.38 -11.40 21.48
N LEU A 310 16.17 -10.86 21.27
CA LEU A 310 15.19 -11.55 20.45
C LEU A 310 15.56 -11.55 18.98
N THR A 311 16.25 -10.51 18.50
CA THR A 311 16.69 -10.50 17.11
C THR A 311 17.65 -11.64 16.84
N GLU A 312 18.64 -11.84 17.72
CA GLU A 312 19.57 -12.95 17.52
C GLU A 312 18.87 -14.30 17.69
N LYS A 313 17.96 -14.41 18.67
CA LYS A 313 17.23 -15.66 18.85
C LYS A 313 16.44 -16.01 17.61
N MET A 314 15.76 -15.02 17.01
CA MET A 314 14.98 -15.27 15.81
C MET A 314 15.87 -15.55 14.62
N HIS A 315 17.01 -14.85 14.53
CA HIS A 315 17.92 -15.06 13.40
C HIS A 315 18.57 -16.43 13.46
N ALA A 316 18.69 -17.01 14.65
CA ALA A 316 19.10 -18.41 14.72
C ALA A 316 18.11 -19.30 14.00
N ARG A 317 16.82 -19.04 14.18
CA ARG A 317 15.81 -19.69 13.37
C ARG A 317 15.79 -19.07 11.97
N ASP A 318 14.98 -19.64 11.10
CA ASP A 318 15.03 -19.26 9.69
C ASP A 318 14.34 -17.95 9.39
N PHE A 319 13.97 -17.15 10.39
CA PHE A 319 13.29 -15.90 10.14
C PHE A 319 14.23 -14.89 9.48
N THR A 320 13.65 -13.96 8.74
CA THR A 320 14.36 -12.79 8.23
C THR A 320 13.77 -11.55 8.88
N VAL A 321 14.59 -10.81 9.62
CA VAL A 321 14.10 -9.72 10.45
C VAL A 321 14.87 -8.45 10.13
N SER A 322 14.25 -7.31 10.44
CA SER A 322 14.92 -6.02 10.47
C SER A 322 14.57 -5.34 11.78
N ALA A 323 15.60 -4.88 12.50
CA ALA A 323 15.45 -4.38 13.85
C ALA A 323 15.90 -2.94 13.93
N MET A 324 15.20 -2.15 14.74
CA MET A 324 15.49 -0.73 14.94
C MET A 324 15.76 -0.47 16.42
N HIS A 325 16.77 0.34 16.70
CA HIS A 325 17.15 0.66 18.06
C HIS A 325 16.95 2.16 18.33
N GLY A 326 16.95 2.50 19.62
CA GLY A 326 16.81 3.89 20.01
C GLY A 326 18.05 4.72 19.79
N ASP A 327 19.21 4.09 19.69
CA ASP A 327 20.46 4.80 19.44
C ASP A 327 20.77 4.93 17.95
N MET A 328 19.85 4.52 17.08
CA MET A 328 20.06 4.60 15.65
C MET A 328 19.95 6.03 15.15
N ASP A 329 20.35 6.23 13.90
CA ASP A 329 20.18 7.51 13.22
C ASP A 329 18.79 7.60 12.62
N GLN A 330 18.57 8.58 11.74
CA GLN A 330 17.33 8.66 10.98
C GLN A 330 17.44 8.07 9.59
N LYS A 331 18.62 8.13 8.98
CA LYS A 331 18.79 7.68 7.60
C LYS A 331 18.68 6.16 7.51
N GLU A 332 19.52 5.44 8.25
CA GLU A 332 19.45 3.98 8.23
C GLU A 332 18.10 3.49 8.76
N ARG A 333 17.46 4.28 9.61
CA ARG A 333 16.08 3.96 9.99
C ARG A 333 15.17 4.00 8.78
N ASP A 334 15.33 5.01 7.91
CA ASP A 334 14.56 5.07 6.68
C ASP A 334 14.88 3.88 5.77
N VAL A 335 16.16 3.49 5.72
CA VAL A 335 16.55 2.34 4.90
C VAL A 335 15.86 1.08 5.40
N ILE A 336 15.88 0.84 6.70
CA ILE A 336 15.25 -0.34 7.27
C ILE A 336 13.74 -0.31 7.05
N MET A 337 13.12 0.86 7.27
CA MET A 337 11.68 0.98 7.09
C MET A 337 11.27 0.66 5.66
N ARG A 338 11.98 1.23 4.68
CA ARG A 338 11.66 0.93 3.29
C ARG A 338 11.97 -0.52 2.93
N GLU A 339 13.02 -1.09 3.52
CA GLU A 339 13.35 -2.49 3.27
C GLU A 339 12.21 -3.39 3.73
N PHE A 340 11.67 -3.14 4.92
CA PHE A 340 10.55 -3.91 5.41
C PHE A 340 9.29 -3.62 4.59
N ARG A 341 9.14 -2.39 4.12
CA ARG A 341 7.99 -2.04 3.30
C ARG A 341 7.98 -2.83 2.00
N SER A 342 9.15 -2.98 1.38
CA SER A 342 9.22 -3.69 0.10
C SER A 342 8.84 -5.16 0.25
N GLY A 343 9.29 -5.82 1.30
CA GLY A 343 8.97 -7.21 1.54
C GLY A 343 10.13 -8.16 1.58
N SER A 344 11.37 -7.66 1.46
CA SER A 344 12.52 -8.55 1.55
C SER A 344 12.72 -9.06 2.96
N SER A 345 12.04 -8.45 3.94
CA SER A 345 12.02 -8.93 5.32
C SER A 345 10.58 -9.04 5.77
N ARG A 346 10.27 -10.06 6.57
CA ARG A 346 8.91 -10.32 7.00
C ARG A 346 8.70 -10.10 8.50
N VAL A 347 9.65 -9.47 9.18
CA VAL A 347 9.51 -9.15 10.59
C VAL A 347 10.17 -7.80 10.84
N LEU A 348 9.44 -6.90 11.50
CA LEU A 348 9.99 -5.60 11.88
C LEU A 348 9.98 -5.47 13.39
N ILE A 349 11.16 -5.53 14.00
CA ILE A 349 11.28 -5.33 15.44
C ILE A 349 11.54 -3.87 15.72
N THR A 350 10.67 -3.25 16.52
CA THR A 350 10.74 -1.81 16.72
C THR A 350 10.48 -1.45 18.18
N THR A 351 10.72 -0.19 18.49
CA THR A 351 10.37 0.42 19.76
C THR A 351 9.34 1.51 19.51
N ASP A 352 8.45 1.72 20.48
CA ASP A 352 7.20 2.44 20.23
C ASP A 352 7.42 3.81 19.63
N LEU A 353 8.36 4.58 20.18
CA LEU A 353 8.57 5.94 19.68
C LEU A 353 9.03 5.93 18.22
N LEU A 354 9.84 4.95 17.84
CA LEU A 354 10.29 4.84 16.46
C LEU A 354 9.12 4.56 15.52
N ALA A 355 8.21 3.67 15.93
CA ALA A 355 7.01 3.42 15.12
C ALA A 355 6.10 4.64 15.08
N ARG A 356 6.10 5.45 16.13
CA ARG A 356 5.37 6.71 16.11
C ARG A 356 6.00 7.67 15.11
N GLY A 357 7.32 7.65 14.99
CA GLY A 357 7.99 8.49 14.02
C GLY A 357 7.65 8.15 12.58
N ILE A 358 7.46 6.86 12.28
CA ILE A 358 7.10 6.43 10.94
C ILE A 358 6.39 5.09 11.05
N ASP A 359 5.34 4.93 10.24
CA ASP A 359 4.50 3.74 10.31
C ASP A 359 4.12 3.27 8.92
N VAL A 360 3.87 1.97 8.80
CA VAL A 360 3.32 1.37 7.59
C VAL A 360 2.15 0.48 8.03
N GLN A 361 1.00 0.67 7.38
CA GLN A 361 -0.24 0.01 7.77
C GLN A 361 -0.58 -1.20 6.91
N GLN A 362 0.35 -1.63 6.05
CA GLN A 362 0.15 -2.82 5.23
C GLN A 362 0.56 -4.10 5.95
N VAL A 363 0.59 -4.07 7.28
CA VAL A 363 0.97 -5.21 8.09
C VAL A 363 -0.28 -5.82 8.70
N SER A 364 -0.38 -7.14 8.66
CA SER A 364 -1.58 -7.83 9.11
C SER A 364 -1.46 -8.40 10.51
N LEU A 365 -0.40 -8.08 11.25
CA LEU A 365 -0.29 -8.63 12.60
C LEU A 365 0.76 -7.87 13.41
N VAL A 366 0.35 -7.44 14.59
CA VAL A 366 1.20 -6.70 15.51
C VAL A 366 1.26 -7.48 16.81
N ILE A 367 2.46 -7.88 17.22
CA ILE A 367 2.66 -8.55 18.49
C ILE A 367 3.16 -7.51 19.48
N ASN A 368 2.29 -7.15 20.41
CA ASN A 368 2.65 -6.35 21.58
C ASN A 368 3.42 -7.27 22.52
N TYR A 369 4.72 -7.40 22.25
CA TYR A 369 5.52 -8.37 23.00
C TYR A 369 5.59 -8.02 24.48
N ASP A 370 5.76 -6.75 24.81
CA ASP A 370 5.68 -6.30 26.20
C ASP A 370 4.80 -5.06 26.23
N LEU A 371 3.80 -5.08 27.09
CA LEU A 371 2.85 -3.99 27.15
C LEU A 371 3.57 -2.68 27.53
N PRO A 372 3.21 -1.57 26.90
CA PRO A 372 3.99 -0.34 27.10
C PRO A 372 3.72 0.28 28.47
N THR A 373 4.79 0.82 29.07
CA THR A 373 4.62 1.59 30.29
C THR A 373 3.76 2.82 30.06
N ASN A 374 3.81 3.38 28.85
CA ASN A 374 2.96 4.49 28.45
C ASN A 374 1.67 3.90 27.92
N ARG A 375 0.63 3.94 28.75
CA ARG A 375 -0.66 3.34 28.37
C ARG A 375 -1.21 4.02 27.13
N GLU A 376 -1.14 5.35 27.08
CA GLU A 376 -1.62 6.08 25.91
C GLU A 376 -0.90 5.63 24.65
N ASN A 377 0.43 5.49 24.73
CA ASN A 377 1.22 5.02 23.59
C ASN A 377 0.72 3.70 23.03
N TYR A 378 -0.10 2.96 23.79
CA TYR A 378 -0.72 1.75 23.27
C TYR A 378 -1.44 2.02 21.95
N ILE A 379 -2.24 3.09 21.90
CA ILE A 379 -2.96 3.39 20.66
C ILE A 379 -1.97 3.71 19.55
N HIS A 380 -0.84 4.32 19.91
CA HIS A 380 0.22 4.52 18.92
C HIS A 380 0.86 3.19 18.54
N ARG A 381 1.03 2.30 19.52
CA ARG A 381 1.65 1.01 19.22
C ARG A 381 0.79 0.19 18.26
N ILE A 382 -0.52 0.17 18.49
CA ILE A 382 -1.42 -0.48 17.54
C ILE A 382 -1.43 0.30 16.23
N GLY A 383 -1.61 1.61 16.32
CA GLY A 383 -1.63 2.44 15.13
C GLY A 383 -2.97 2.54 14.44
N ARG A 384 -4.06 2.49 15.20
CA ARG A 384 -5.42 2.49 14.65
C ARG A 384 -5.85 3.84 14.08
N GLY A 385 -4.95 4.80 13.94
CA GLY A 385 -5.32 6.15 13.56
C GLY A 385 -5.84 6.29 12.14
N GLY A 386 -5.73 5.26 11.31
CA GLY A 386 -6.17 5.38 9.93
C GLY A 386 -6.98 4.20 9.43
N ARG A 387 -7.77 3.58 10.31
CA ARG A 387 -8.57 2.40 9.97
C ARG A 387 -7.70 1.30 9.39
N PHE A 388 -6.52 1.10 9.98
CA PHE A 388 -5.60 0.10 9.46
C PHE A 388 -6.10 -1.31 9.74
N GLY A 389 -6.97 -1.47 10.73
CA GLY A 389 -7.42 -2.79 11.14
C GLY A 389 -8.70 -3.25 10.49
N ARG A 390 -8.82 -3.04 9.18
CA ARG A 390 -10.01 -3.58 8.49
C ARG A 390 -10.00 -5.09 8.74
N LYS A 391 -8.82 -5.72 8.58
CA LYS A 391 -8.66 -7.17 8.82
C LYS A 391 -7.50 -7.35 9.80
N GLY A 392 -6.97 -6.26 10.35
CA GLY A 392 -5.74 -6.32 11.18
C GLY A 392 -6.00 -6.85 12.57
N VAL A 393 -5.03 -7.58 13.12
CA VAL A 393 -5.22 -8.18 14.43
C VAL A 393 -4.08 -7.74 15.33
N ALA A 394 -4.35 -7.71 16.63
CA ALA A 394 -3.34 -7.40 17.62
C ALA A 394 -3.22 -8.56 18.60
N ILE A 395 -1.99 -8.90 18.97
CA ILE A 395 -1.72 -9.98 19.90
C ILE A 395 -0.90 -9.43 21.05
N ASN A 396 -1.36 -9.71 22.27
CA ASN A 396 -0.66 -9.30 23.48
C ASN A 396 -0.15 -10.55 24.18
N MET A 397 1.15 -10.81 24.07
CA MET A 397 1.78 -11.86 24.84
C MET A 397 2.07 -11.28 26.21
N VAL A 398 1.15 -11.49 27.14
CA VAL A 398 1.11 -10.78 28.41
C VAL A 398 1.61 -11.72 29.51
N THR A 399 2.63 -11.27 30.23
CA THR A 399 3.10 -12.04 31.37
C THR A 399 2.08 -11.93 32.50
N GLU A 400 2.19 -12.85 33.47
CA GLU A 400 1.17 -13.02 34.50
C GLU A 400 0.85 -11.72 35.23
N GLU A 401 1.88 -11.06 35.76
CA GLU A 401 1.65 -9.86 36.55
C GLU A 401 1.11 -8.72 35.71
N ASP A 402 1.30 -8.78 34.39
CA ASP A 402 0.76 -7.75 33.50
C ASP A 402 -0.70 -8.01 33.13
N LYS A 403 -1.34 -9.02 33.72
CA LYS A 403 -2.78 -9.14 33.57
C LYS A 403 -3.47 -7.91 34.15
N ARG A 404 -2.91 -7.35 35.22
CA ARG A 404 -3.42 -6.10 35.76
C ARG A 404 -3.31 -4.98 34.73
N THR A 405 -2.18 -4.93 34.02
CA THR A 405 -1.98 -3.93 32.98
C THR A 405 -3.01 -4.10 31.87
N LEU A 406 -3.21 -5.34 31.42
CA LEU A 406 -4.28 -5.64 30.48
C LEU A 406 -5.60 -5.12 31.00
N ARG A 407 -5.85 -5.28 32.29
CA ARG A 407 -7.12 -4.84 32.88
C ARG A 407 -7.30 -3.34 32.74
N ASP A 408 -6.29 -2.55 33.13
CA ASP A 408 -6.55 -1.11 33.07
C ASP A 408 -6.52 -0.58 31.65
N ILE A 409 -5.78 -1.21 30.73
CA ILE A 409 -5.92 -0.76 29.35
C ILE A 409 -7.28 -1.14 28.79
N GLU A 410 -7.81 -2.31 29.13
CA GLU A 410 -9.14 -2.69 28.67
C GLU A 410 -10.19 -1.73 29.20
N THR A 411 -10.09 -1.34 30.47
CA THR A 411 -11.11 -0.49 31.07
C THR A 411 -10.95 0.97 30.64
N PHE A 412 -9.74 1.53 30.81
CA PHE A 412 -9.52 2.94 30.52
C PHE A 412 -9.72 3.26 29.04
N TYR A 413 -9.20 2.40 28.16
CA TYR A 413 -9.49 2.56 26.74
C TYR A 413 -10.89 2.09 26.37
N ASN A 414 -11.59 1.42 27.28
CA ASN A 414 -12.94 0.93 27.05
C ASN A 414 -12.99 -0.01 25.85
N THR A 415 -12.26 -1.12 25.97
CA THR A 415 -12.22 -2.15 24.94
C THR A 415 -12.58 -3.50 25.51
N SER A 416 -12.39 -4.56 24.71
CA SER A 416 -12.63 -5.93 25.16
C SER A 416 -11.56 -6.82 24.56
N ILE A 417 -10.63 -7.29 25.40
CA ILE A 417 -9.52 -8.12 24.96
C ILE A 417 -9.94 -9.57 25.14
N GLU A 418 -10.42 -10.18 24.06
CA GLU A 418 -10.80 -11.58 24.09
C GLU A 418 -9.57 -12.47 24.26
N GLU A 419 -9.80 -13.67 24.77
CA GLU A 419 -8.73 -14.63 24.93
C GLU A 419 -8.48 -15.36 23.61
N MET A 420 -7.20 -15.67 23.37
CA MET A 420 -6.70 -16.36 22.19
C MET A 420 -7.43 -17.70 22.03
N PRO A 421 -8.35 -17.83 21.08
CA PRO A 421 -9.00 -19.13 20.89
C PRO A 421 -8.00 -20.16 20.36
N LEU A 422 -8.22 -21.42 20.73
CA LEU A 422 -7.38 -22.49 20.22
C LEU A 422 -7.65 -22.74 18.74
N ASN A 423 -8.87 -22.47 18.29
CA ASN A 423 -9.31 -22.75 16.93
C ASN A 423 -9.45 -21.46 16.13
N VAL A 424 -8.51 -20.54 16.32
CA VAL A 424 -8.57 -19.25 15.63
C VAL A 424 -8.10 -19.33 14.18
N ALA A 425 -7.53 -20.47 13.77
CA ALA A 425 -7.00 -20.59 12.41
C ALA A 425 -8.06 -20.30 11.36
N ASP A 426 -9.31 -20.66 11.64
CA ASP A 426 -10.40 -20.34 10.72
C ASP A 426 -10.90 -18.91 10.91
N LEU A 427 -10.94 -18.44 12.16
CA LEU A 427 -11.44 -17.09 12.43
C LEU A 427 -10.57 -16.03 11.77
N ILE A 428 -9.30 -16.33 11.53
CA ILE A 428 -8.42 -15.44 10.80
C ILE A 428 -7.94 -16.12 9.53
N GLY B 32 -2.99 -39.93 14.24
CA GLY B 32 -3.80 -38.77 13.95
C GLY B 32 -3.07 -37.46 14.19
N SER B 33 -2.32 -37.40 15.29
CA SER B 33 -1.60 -36.18 15.63
C SER B 33 -0.48 -35.89 14.63
N LYS B 34 -0.02 -36.91 13.91
CA LYS B 34 1.09 -36.71 12.96
C LYS B 34 0.69 -35.76 11.84
N THR B 35 -0.51 -35.92 11.29
CA THR B 35 -0.95 -35.04 10.21
C THR B 35 -1.06 -33.60 10.68
N GLN B 36 -1.62 -33.40 11.87
CA GLN B 36 -1.76 -32.04 12.40
C GLN B 36 -0.40 -31.42 12.68
N ASP B 37 0.53 -32.21 13.20
CA ASP B 37 1.89 -31.70 13.42
C ASP B 37 2.56 -31.34 12.10
N LEU B 38 2.35 -32.15 11.07
CA LEU B 38 2.90 -31.83 9.76
C LEU B 38 2.30 -30.54 9.22
N PHE B 39 1.01 -30.34 9.42
CA PHE B 39 0.38 -29.08 9.00
C PHE B 39 0.99 -27.90 9.74
N ARG B 40 1.22 -28.06 11.05
CA ARG B 40 1.83 -26.98 11.82
C ARG B 40 3.21 -26.63 11.26
N ARG B 41 4.04 -27.65 11.02
CA ARG B 41 5.39 -27.38 10.52
C ARG B 41 5.36 -26.78 9.13
N VAL B 42 4.45 -27.25 8.27
CA VAL B 42 4.36 -26.72 6.91
C VAL B 42 3.94 -25.25 6.95
N ARG B 43 2.97 -24.91 7.79
CA ARG B 43 2.55 -23.52 7.88
C ARG B 43 3.66 -22.64 8.46
N SER B 44 4.42 -23.16 9.42
CA SER B 44 5.56 -22.40 9.93
C SER B 44 6.58 -22.14 8.83
N ILE B 45 6.87 -23.17 8.03
CA ILE B 45 7.82 -23.00 6.92
C ILE B 45 7.30 -21.96 5.94
N LEU B 46 6.01 -22.03 5.62
CA LEU B 46 5.44 -21.07 4.68
C LEU B 46 5.52 -19.64 5.21
N ASN B 47 5.23 -19.45 6.50
CA ASN B 47 5.33 -18.11 7.09
C ASN B 47 6.77 -17.61 7.06
N LYS B 48 7.73 -18.49 7.35
CA LYS B 48 9.12 -18.07 7.34
C LYS B 48 9.64 -17.89 5.91
N LEU B 49 9.04 -18.56 4.94
CA LEU B 49 9.55 -18.58 3.58
C LEU B 49 9.67 -17.18 3.00
N THR B 50 10.86 -16.87 2.49
CA THR B 50 11.15 -15.61 1.83
C THR B 50 12.15 -15.89 0.71
N PRO B 51 12.15 -15.07 -0.35
CA PRO B 51 13.07 -15.36 -1.46
C PRO B 51 14.54 -15.46 -1.06
N GLN B 52 15.01 -14.59 -0.16
CA GLN B 52 16.43 -14.59 0.17
C GLN B 52 16.83 -15.83 0.93
N MET B 53 16.09 -16.18 1.97
CA MET B 53 16.43 -17.29 2.86
C MET B 53 15.98 -18.62 2.29
N PHE B 54 15.73 -18.69 0.99
CA PHE B 54 15.06 -19.84 0.38
C PHE B 54 15.78 -21.14 0.72
N GLN B 55 17.03 -21.27 0.26
CA GLN B 55 17.74 -22.53 0.31
C GLN B 55 17.74 -23.14 1.70
N GLN B 56 17.97 -22.32 2.72
CA GLN B 56 18.16 -22.86 4.06
C GLN B 56 16.90 -23.58 4.57
N LEU B 57 15.72 -23.16 4.10
CA LEU B 57 14.52 -23.87 4.53
C LEU B 57 14.21 -25.09 3.68
N MET B 58 14.80 -25.20 2.49
CA MET B 58 14.37 -26.25 1.58
C MET B 58 14.69 -27.63 2.10
N LYS B 59 15.82 -27.79 2.80
CA LYS B 59 16.11 -29.05 3.46
C LYS B 59 14.94 -29.44 4.36
N GLN B 60 14.46 -28.49 5.16
CA GLN B 60 13.31 -28.76 6.03
C GLN B 60 12.12 -29.27 5.23
N VAL B 61 11.92 -28.74 4.03
CA VAL B 61 10.80 -29.18 3.20
C VAL B 61 11.00 -30.62 2.76
N THR B 62 12.22 -30.98 2.36
CA THR B 62 12.45 -32.34 1.89
C THR B 62 12.44 -33.35 3.03
N GLN B 63 12.56 -32.89 4.27
CA GLN B 63 12.58 -33.78 5.42
C GLN B 63 11.20 -33.97 6.04
N LEU B 64 10.15 -33.59 5.34
CA LEU B 64 8.79 -33.75 5.84
C LEU B 64 8.21 -35.06 5.35
N ALA B 65 7.71 -35.87 6.29
CA ALA B 65 7.17 -37.19 5.97
C ALA B 65 5.75 -37.05 5.44
N ILE B 66 5.65 -36.80 4.14
CA ILE B 66 4.38 -36.74 3.44
C ILE B 66 4.19 -38.08 2.74
N ASP B 67 3.33 -38.93 3.31
CA ASP B 67 3.18 -40.28 2.78
C ASP B 67 1.72 -40.75 2.74
N THR B 68 0.76 -39.83 2.86
CA THR B 68 -0.64 -40.20 2.85
C THR B 68 -1.40 -39.14 2.06
N GLU B 69 -2.38 -39.57 1.27
CA GLU B 69 -3.09 -38.65 0.39
C GLU B 69 -3.70 -37.49 1.17
N GLU B 70 -4.15 -37.74 2.40
CA GLU B 70 -4.71 -36.65 3.20
C GLU B 70 -3.65 -35.62 3.56
N ARG B 71 -2.45 -36.09 3.96
CA ARG B 71 -1.38 -35.16 4.27
C ARG B 71 -0.97 -34.37 3.04
N LEU B 72 -0.86 -35.04 1.89
CA LEU B 72 -0.49 -34.34 0.66
C LEU B 72 -1.54 -33.30 0.28
N LYS B 73 -2.83 -33.67 0.36
CA LYS B 73 -3.88 -32.73 0.01
C LYS B 73 -3.87 -31.53 0.95
N GLY B 74 -3.67 -31.77 2.25
CA GLY B 74 -3.63 -30.65 3.19
C GLY B 74 -2.43 -29.74 2.95
N VAL B 75 -1.26 -30.32 2.67
CA VAL B 75 -0.08 -29.49 2.41
C VAL B 75 -0.27 -28.67 1.15
N ILE B 76 -0.85 -29.27 0.12
CA ILE B 76 -1.10 -28.53 -1.12
C ILE B 76 -2.14 -27.44 -0.89
N ASP B 77 -3.15 -27.72 -0.07
CA ASP B 77 -4.13 -26.69 0.28
C ASP B 77 -3.46 -25.51 0.95
N LEU B 78 -2.58 -25.79 1.93
CA LEU B 78 -1.88 -24.72 2.61
C LEU B 78 -1.04 -23.90 1.64
N ILE B 79 -0.26 -24.58 0.79
CA ILE B 79 0.62 -23.88 -0.14
C ILE B 79 -0.19 -23.00 -1.07
N PHE B 80 -1.26 -23.56 -1.64
CA PHE B 80 -2.06 -22.82 -2.60
C PHE B 80 -2.74 -21.62 -1.95
N GLU B 81 -3.30 -21.82 -0.75
CA GLU B 81 -3.97 -20.72 -0.07
C GLU B 81 -2.99 -19.58 0.21
N LYS B 82 -1.82 -19.91 0.78
CA LYS B 82 -0.81 -18.89 1.01
C LYS B 82 -0.40 -18.20 -0.28
N ALA B 83 -0.19 -18.96 -1.34
CA ALA B 83 0.35 -18.40 -2.57
C ALA B 83 -0.64 -17.53 -3.32
N ILE B 84 -1.94 -17.78 -3.20
CA ILE B 84 -2.89 -16.94 -3.92
C ILE B 84 -3.40 -15.83 -3.03
N SER B 85 -3.26 -15.98 -1.71
CA SER B 85 -3.68 -14.90 -0.83
C SER B 85 -2.59 -13.87 -0.58
N GLU B 86 -1.34 -14.14 -1.00
CA GLU B 86 -0.22 -13.23 -0.77
C GLU B 86 0.70 -13.27 -1.97
N PRO B 87 0.38 -12.53 -3.03
CA PRO B 87 1.15 -12.63 -4.28
C PRO B 87 2.61 -12.25 -4.15
N ASN B 88 2.95 -11.32 -3.25
CA ASN B 88 4.29 -10.75 -3.25
C ASN B 88 5.36 -11.82 -3.07
N PHE B 89 5.14 -12.74 -2.13
CA PHE B 89 6.10 -13.80 -1.87
C PHE B 89 5.82 -15.05 -2.69
N SER B 90 4.82 -15.02 -3.56
CA SER B 90 4.42 -16.20 -4.31
C SER B 90 5.61 -16.81 -5.05
N VAL B 91 6.51 -15.96 -5.55
CA VAL B 91 7.73 -16.45 -6.21
C VAL B 91 8.37 -17.56 -5.38
N ALA B 92 8.70 -17.25 -4.13
CA ALA B 92 9.31 -18.24 -3.26
C ALA B 92 8.45 -19.51 -3.21
N TYR B 93 7.16 -19.35 -2.94
CA TYR B 93 6.28 -20.51 -2.87
C TYR B 93 6.32 -21.28 -4.17
N ALA B 94 6.31 -20.59 -5.30
CA ALA B 94 6.43 -21.28 -6.58
C ALA B 94 7.67 -22.16 -6.61
N ASN B 95 8.81 -21.58 -6.24
CA ASN B 95 10.05 -22.35 -6.22
C ASN B 95 9.96 -23.48 -5.20
N MET B 96 9.27 -23.23 -4.09
CA MET B 96 9.05 -24.30 -3.12
C MET B 96 8.32 -25.46 -3.76
N CYS B 97 7.30 -25.17 -4.56
CA CYS B 97 6.59 -26.24 -5.26
C CYS B 97 7.54 -27.03 -6.15
N ARG B 98 8.52 -26.35 -6.75
CA ARG B 98 9.47 -27.07 -7.60
C ARG B 98 10.24 -28.12 -6.83
N CYS B 99 10.48 -27.88 -5.53
CA CYS B 99 11.21 -28.87 -4.74
C CYS B 99 10.36 -30.12 -4.51
N LEU B 100 9.04 -30.01 -4.64
CA LEU B 100 8.16 -31.15 -4.47
C LEU B 100 7.44 -31.52 -5.76
N MET B 101 8.09 -31.36 -6.91
CA MET B 101 7.45 -31.71 -8.17
C MET B 101 7.27 -33.21 -8.31
N ALA B 102 8.08 -34.00 -7.61
CA ALA B 102 8.01 -35.46 -7.65
C ALA B 102 7.87 -35.95 -6.21
N LEU B 103 6.63 -36.00 -5.71
CA LEU B 103 6.39 -36.58 -4.36
C LEU B 103 5.17 -37.51 -4.48
N LYS B 104 5.39 -38.75 -4.88
CA LYS B 104 4.27 -39.70 -5.10
C LYS B 104 3.67 -40.13 -3.76
N VAL B 105 2.36 -40.37 -3.73
CA VAL B 105 1.68 -40.85 -2.49
C VAL B 105 0.57 -41.82 -2.93
N PRO B 106 0.27 -42.91 -2.19
CA PRO B 106 -0.81 -43.83 -2.54
C PRO B 106 -2.23 -43.35 -2.18
N THR B 107 -3.16 -43.36 -3.15
CA THR B 107 -4.52 -42.84 -2.85
C THR B 107 -5.17 -43.71 -1.79
N THR B 108 -5.85 -43.11 -0.81
CA THR B 108 -6.40 -43.91 0.29
C THR B 108 -7.50 -44.85 -0.20
N GLU B 109 -8.28 -44.42 -1.19
CA GLU B 109 -9.37 -45.26 -1.69
C GLU B 109 -8.83 -46.56 -2.27
N LYS B 110 -8.00 -46.46 -3.30
CA LYS B 110 -7.36 -47.62 -3.91
C LYS B 110 -5.86 -47.53 -3.67
N PRO B 111 -5.32 -48.26 -2.69
CA PRO B 111 -3.93 -48.03 -2.29
C PRO B 111 -2.91 -48.54 -3.30
N THR B 112 -3.36 -49.02 -4.44
CA THR B 112 -2.48 -49.43 -5.53
C THR B 112 -2.30 -48.34 -6.57
N VAL B 113 -2.86 -47.15 -6.31
CA VAL B 113 -2.78 -46.03 -7.28
C VAL B 113 -1.84 -44.99 -6.66
N THR B 114 -1.31 -44.05 -7.43
CA THR B 114 -0.48 -42.99 -6.81
C THR B 114 -0.91 -41.63 -7.35
N VAL B 115 -0.74 -40.58 -6.55
CA VAL B 115 -1.04 -39.20 -7.03
C VAL B 115 0.25 -38.40 -6.88
N ASN B 116 0.77 -37.85 -7.98
CA ASN B 116 1.97 -36.98 -7.86
C ASN B 116 1.54 -35.63 -7.28
N PHE B 117 2.43 -34.93 -6.59
CA PHE B 117 2.10 -33.58 -6.04
C PHE B 117 1.71 -32.66 -7.20
N ARG B 118 2.40 -32.74 -8.33
CA ARG B 118 2.12 -31.80 -9.43
C ARG B 118 0.68 -31.98 -9.86
N LYS B 119 0.19 -33.20 -9.95
CA LYS B 119 -1.19 -33.37 -10.46
C LYS B 119 -2.14 -32.67 -9.52
N LEU B 120 -1.93 -32.85 -8.21
CA LEU B 120 -2.84 -32.23 -7.22
C LEU B 120 -2.73 -30.70 -7.20
N LEU B 121 -1.52 -30.15 -7.24
CA LEU B 121 -1.32 -28.67 -7.15
C LEU B 121 -1.88 -28.00 -8.37
N LEU B 122 -1.65 -28.59 -9.54
CA LEU B 122 -2.22 -28.01 -10.78
C LEU B 122 -3.75 -28.11 -10.73
N ASN B 123 -4.33 -29.18 -10.20
CA ASN B 123 -5.81 -29.29 -10.24
C ASN B 123 -6.37 -28.15 -9.39
N ARG B 124 -5.77 -27.87 -8.25
CA ARG B 124 -6.24 -26.73 -7.45
C ARG B 124 -6.08 -25.47 -8.28
N CYS B 125 -4.98 -25.31 -9.02
CA CYS B 125 -4.80 -24.07 -9.78
C CYS B 125 -5.85 -23.94 -10.87
N GLN B 126 -6.09 -25.02 -11.63
CA GLN B 126 -7.07 -24.97 -12.69
C GLN B 126 -8.48 -24.75 -12.16
N LYS B 127 -8.81 -25.41 -11.05
CA LYS B 127 -10.14 -25.21 -10.46
C LYS B 127 -10.34 -23.77 -10.02
N GLU B 128 -9.30 -23.16 -9.45
CA GLU B 128 -9.39 -21.75 -9.10
C GLU B 128 -9.47 -20.86 -10.33
N PHE B 129 -8.87 -21.26 -11.44
CA PHE B 129 -8.83 -20.41 -12.62
C PHE B 129 -10.20 -20.26 -13.28
N GLU B 130 -11.03 -21.30 -13.25
CA GLU B 130 -12.30 -21.29 -13.96
C GLU B 130 -13.50 -21.13 -13.05
N LYS B 131 -13.32 -20.61 -11.84
CA LYS B 131 -14.47 -20.35 -10.98
C LYS B 131 -15.31 -19.18 -11.48
N ASP B 132 -14.77 -18.37 -12.40
CA ASP B 132 -15.48 -17.18 -12.85
C ASP B 132 -16.84 -17.55 -13.45
N LYS B 133 -16.88 -18.66 -14.19
CA LYS B 133 -18.14 -19.10 -14.78
C LYS B 133 -19.24 -19.22 -13.73
N ASP B 134 -18.88 -19.67 -12.53
CA ASP B 134 -19.83 -19.75 -11.43
C ASP B 134 -19.77 -18.54 -10.51
N ASP B 135 -18.71 -17.74 -10.58
CA ASP B 135 -18.48 -16.71 -9.56
C ASP B 135 -19.63 -15.72 -9.49
N ASP B 136 -20.00 -15.12 -10.63
CA ASP B 136 -21.12 -14.19 -10.64
C ASP B 136 -22.36 -14.83 -10.03
N GLU B 137 -22.55 -16.13 -10.28
CA GLU B 137 -23.69 -16.85 -9.77
C GLU B 137 -23.84 -16.67 -8.27
N VAL B 138 -22.76 -16.88 -7.51
CA VAL B 138 -22.88 -16.76 -6.06
C VAL B 138 -23.23 -15.33 -5.68
N PHE B 139 -22.63 -14.35 -6.38
CA PHE B 139 -23.02 -12.96 -6.16
C PHE B 139 -24.48 -12.77 -6.49
N GLU B 140 -24.96 -13.39 -7.58
CA GLU B 140 -26.37 -13.35 -7.88
C GLU B 140 -27.18 -13.98 -6.76
N LYS B 141 -26.69 -15.08 -6.18
CA LYS B 141 -27.39 -15.71 -5.07
C LYS B 141 -27.48 -14.76 -3.88
N LYS B 142 -26.55 -13.81 -3.79
CA LYS B 142 -26.61 -12.77 -2.77
C LYS B 142 -27.26 -11.50 -3.27
N GLN B 143 -27.35 -11.33 -4.59
CA GLN B 143 -27.91 -10.10 -5.16
C GLN B 143 -29.36 -9.90 -4.74
N LYS B 144 -30.12 -10.99 -4.65
CA LYS B 144 -31.50 -10.88 -4.18
C LYS B 144 -31.55 -10.24 -2.80
N GLU B 145 -30.58 -10.57 -1.95
CA GLU B 145 -30.56 -10.00 -0.60
C GLU B 145 -30.44 -8.48 -0.63
N MET B 146 -29.79 -7.93 -1.66
CA MET B 146 -29.74 -6.47 -1.80
C MET B 146 -31.15 -5.89 -1.85
N ASP B 147 -32.07 -6.56 -2.53
CA ASP B 147 -33.45 -6.10 -2.56
C ASP B 147 -34.14 -6.35 -1.22
N GLU B 148 -33.74 -7.43 -0.52
CA GLU B 148 -34.43 -7.81 0.71
C GLU B 148 -34.01 -6.98 1.92
N ALA B 149 -32.87 -6.28 1.84
CA ALA B 149 -32.43 -5.38 2.90
C ALA B 149 -33.22 -4.08 2.76
N ALA B 150 -34.35 -3.99 3.47
CA ALA B 150 -35.30 -2.92 3.24
C ALA B 150 -34.76 -1.57 3.72
N THR B 151 -34.45 -1.45 5.01
CA THR B 151 -34.07 -0.17 5.57
C THR B 151 -32.70 0.26 5.08
N ALA B 152 -32.40 1.55 5.25
CA ALA B 152 -31.16 2.12 4.75
C ALA B 152 -29.94 1.47 5.41
N GLU B 153 -30.02 1.23 6.72
CA GLU B 153 -28.90 0.60 7.42
C GLU B 153 -28.63 -0.80 6.87
N GLU B 154 -29.69 -1.59 6.73
CA GLU B 154 -29.55 -2.94 6.19
C GLU B 154 -29.06 -2.90 4.74
N ARG B 155 -29.60 -1.98 3.94
CA ARG B 155 -29.18 -1.87 2.55
C ARG B 155 -27.70 -1.54 2.46
N GLY B 156 -27.25 -0.58 3.25
CA GLY B 156 -25.84 -0.21 3.23
C GLY B 156 -24.93 -1.32 3.72
N ARG B 157 -25.33 -2.01 4.78
CA ARG B 157 -24.50 -3.11 5.29
C ARG B 157 -24.42 -4.23 4.27
N LEU B 158 -25.54 -4.57 3.63
CA LEU B 158 -25.53 -5.59 2.60
C LEU B 158 -24.65 -5.18 1.42
N LYS B 159 -24.72 -3.91 1.02
CA LYS B 159 -23.89 -3.45 -0.10
C LYS B 159 -22.42 -3.52 0.26
N GLU B 160 -22.07 -3.14 1.48
CA GLU B 160 -20.68 -3.22 1.92
C GLU B 160 -20.20 -4.67 1.92
N GLU B 161 -21.04 -5.59 2.42
CA GLU B 161 -20.65 -7.00 2.41
C GLU B 161 -20.49 -7.53 0.99
N LEU B 162 -21.36 -7.12 0.08
CA LEU B 162 -21.22 -7.73 -1.27
C LEU B 162 -19.98 -7.12 -1.94
N GLU B 163 -19.73 -5.82 -1.81
CA GLU B 163 -18.48 -5.28 -2.40
C GLU B 163 -17.25 -5.89 -1.71
N GLU B 164 -17.32 -6.11 -0.39
CA GLU B 164 -16.19 -6.75 0.32
C GLU B 164 -15.96 -8.15 -0.25
N ALA B 165 -17.04 -8.88 -0.52
CA ALA B 165 -16.90 -10.21 -1.13
C ALA B 165 -16.28 -10.07 -2.51
N ARG B 166 -16.69 -9.05 -3.25
CA ARG B 166 -16.15 -8.85 -4.62
C ARG B 166 -14.65 -8.59 -4.49
N ASP B 167 -14.24 -7.83 -3.49
CA ASP B 167 -12.78 -7.59 -3.28
C ASP B 167 -12.10 -8.91 -2.93
N ILE B 168 -12.71 -9.71 -2.08
CA ILE B 168 -12.03 -10.96 -1.62
C ILE B 168 -11.83 -11.85 -2.84
N ALA B 169 -12.83 -11.94 -3.70
CA ALA B 169 -12.69 -12.74 -4.94
C ALA B 169 -11.65 -12.14 -5.88
N ARG B 170 -11.67 -10.82 -6.09
CA ARG B 170 -10.73 -10.26 -7.11
C ARG B 170 -9.31 -10.46 -6.59
N ARG B 171 -9.11 -10.32 -5.29
CA ARG B 171 -7.77 -10.58 -4.73
C ARG B 171 -7.37 -12.04 -4.95
N ARG B 172 -8.29 -12.98 -4.78
CA ARG B 172 -7.98 -14.41 -5.05
C ARG B 172 -7.61 -14.58 -6.52
N SER B 173 -8.47 -14.21 -7.46
CA SER B 173 -8.18 -14.46 -8.86
C SER B 173 -6.82 -13.91 -9.25
N LEU B 174 -6.48 -12.71 -8.78
CA LEU B 174 -5.18 -12.13 -9.10
C LEU B 174 -4.04 -12.97 -8.51
N GLY B 175 -4.19 -13.43 -7.28
CA GLY B 175 -3.18 -14.29 -6.70
C GLY B 175 -3.01 -15.59 -7.45
N ASN B 176 -4.12 -16.21 -7.84
CA ASN B 176 -4.05 -17.45 -8.61
C ASN B 176 -3.36 -17.22 -9.95
N ILE B 177 -3.65 -16.11 -10.62
CA ILE B 177 -3.03 -15.83 -11.90
C ILE B 177 -1.53 -15.64 -11.74
N LYS B 178 -1.11 -14.87 -10.73
CA LYS B 178 0.32 -14.67 -10.54
C LYS B 178 1.02 -15.97 -10.18
N PHE B 179 0.36 -16.82 -9.39
CA PHE B 179 0.96 -18.09 -9.03
C PHE B 179 1.12 -19.00 -10.25
N ILE B 180 0.11 -19.04 -11.13
CA ILE B 180 0.23 -19.84 -12.34
C ILE B 180 1.36 -19.31 -13.22
N GLY B 181 1.42 -17.99 -13.38
CA GLY B 181 2.51 -17.39 -14.12
C GLY B 181 3.88 -17.66 -13.55
N GLU B 182 3.98 -17.72 -12.22
CA GLU B 182 5.25 -18.06 -11.58
C GLU B 182 5.61 -19.52 -11.76
N LEU B 183 4.61 -20.41 -11.74
CA LEU B 183 4.89 -21.81 -12.02
C LEU B 183 5.35 -22.01 -13.46
N PHE B 184 4.88 -21.16 -14.36
CA PHE B 184 5.31 -21.27 -15.76
C PHE B 184 6.81 -21.03 -15.89
N LYS B 185 7.34 -20.04 -15.19
CA LYS B 185 8.77 -19.73 -15.30
C LYS B 185 9.64 -20.87 -14.78
N LEU B 186 9.09 -21.75 -13.95
CA LEU B 186 9.81 -22.90 -13.43
C LEU B 186 9.56 -24.15 -14.27
N LYS B 187 8.88 -24.00 -15.41
CA LYS B 187 8.67 -25.04 -16.41
C LYS B 187 7.73 -26.14 -15.96
N MET B 188 7.10 -26.00 -14.78
CA MET B 188 6.06 -26.94 -14.39
C MET B 188 4.82 -26.81 -15.27
N LEU B 189 4.70 -25.72 -16.01
CA LEU B 189 3.70 -25.54 -17.06
C LEU B 189 4.42 -25.49 -18.41
N THR B 190 3.65 -25.25 -19.46
CA THR B 190 4.23 -25.06 -20.79
C THR B 190 3.54 -23.89 -21.48
N GLU B 191 4.07 -23.51 -22.64
CA GLU B 191 3.59 -22.32 -23.34
C GLU B 191 2.12 -22.46 -23.73
N ALA B 192 1.66 -23.68 -23.97
CA ALA B 192 0.29 -23.88 -24.43
C ALA B 192 -0.73 -23.45 -23.39
N ILE B 193 -0.47 -23.77 -22.12
CA ILE B 193 -1.44 -23.41 -21.09
C ILE B 193 -1.50 -21.89 -20.91
N MET B 194 -0.35 -21.22 -21.00
CA MET B 194 -0.37 -19.76 -20.98
C MET B 194 -1.11 -19.20 -22.18
N HIS B 195 -0.94 -19.81 -23.35
CA HIS B 195 -1.58 -19.29 -24.54
C HIS B 195 -3.09 -19.53 -24.56
N ASP B 196 -3.58 -20.56 -23.87
CA ASP B 196 -5.02 -20.73 -23.76
C ASP B 196 -5.58 -20.15 -22.47
N CYS B 197 -4.73 -19.62 -21.59
CA CYS B 197 -5.20 -18.86 -20.44
C CYS B 197 -5.30 -17.38 -20.75
N VAL B 198 -4.30 -16.83 -21.45
CA VAL B 198 -4.36 -15.42 -21.85
C VAL B 198 -5.56 -15.18 -22.74
N VAL B 199 -5.80 -16.07 -23.70
CA VAL B 199 -6.93 -15.90 -24.61
C VAL B 199 -8.25 -16.04 -23.86
N LYS B 200 -8.30 -16.92 -22.86
CA LYS B 200 -9.53 -17.08 -22.11
C LYS B 200 -9.82 -15.84 -21.28
N LEU B 201 -8.79 -15.27 -20.65
CA LEU B 201 -8.97 -14.02 -19.91
C LEU B 201 -9.41 -12.90 -20.84
N LEU B 202 -8.82 -12.85 -22.03
CA LEU B 202 -9.09 -11.74 -22.94
C LEU B 202 -10.48 -11.83 -23.55
N LYS B 203 -10.95 -13.06 -23.81
CA LYS B 203 -12.28 -13.20 -24.40
C LYS B 203 -13.36 -12.71 -23.46
N ASN B 204 -13.22 -12.97 -22.16
CA ASN B 204 -14.10 -12.38 -21.15
C ASN B 204 -13.64 -10.95 -20.93
N HIS B 205 -14.26 -10.00 -21.64
CA HIS B 205 -13.81 -8.63 -21.61
C HIS B 205 -14.24 -7.88 -20.35
N ASP B 206 -14.70 -8.59 -19.32
CA ASP B 206 -15.04 -7.94 -18.05
C ASP B 206 -13.77 -7.46 -17.37
N GLU B 207 -13.94 -6.50 -16.45
CA GLU B 207 -12.83 -5.82 -15.79
C GLU B 207 -11.89 -6.78 -15.08
N GLU B 208 -12.47 -7.71 -14.31
CA GLU B 208 -11.65 -8.61 -13.49
C GLU B 208 -10.72 -9.44 -14.36
N SER B 209 -11.23 -9.95 -15.48
CA SER B 209 -10.39 -10.75 -16.38
C SER B 209 -9.28 -9.92 -17.00
N LEU B 210 -9.55 -8.67 -17.38
CA LEU B 210 -8.51 -7.84 -17.97
C LEU B 210 -7.43 -7.48 -16.96
N GLU B 211 -7.81 -7.26 -15.70
CA GLU B 211 -6.82 -7.05 -14.65
C GLU B 211 -5.92 -8.27 -14.49
N CYS B 212 -6.52 -9.46 -14.49
CA CYS B 212 -5.74 -10.69 -14.40
C CYS B 212 -4.82 -10.85 -15.60
N LEU B 213 -5.31 -10.48 -16.79
CA LEU B 213 -4.48 -10.56 -17.99
C LEU B 213 -3.27 -9.64 -17.88
N CYS B 214 -3.50 -8.41 -17.38
CA CYS B 214 -2.38 -7.49 -17.17
C CYS B 214 -1.36 -8.10 -16.21
N ARG B 215 -1.83 -8.64 -15.09
CA ARG B 215 -0.92 -9.24 -14.11
C ARG B 215 -0.13 -10.40 -14.71
N LEU B 216 -0.80 -11.30 -15.43
CA LEU B 216 -0.15 -12.46 -16.02
C LEU B 216 0.91 -12.06 -17.03
N LEU B 217 0.58 -11.16 -17.96
CA LEU B 217 1.56 -10.74 -18.94
C LEU B 217 2.72 -10.02 -18.28
N THR B 218 2.44 -9.19 -17.27
CA THR B 218 3.51 -8.51 -16.57
C THR B 218 4.47 -9.50 -15.94
N THR B 219 3.97 -10.63 -15.44
CA THR B 219 4.86 -11.56 -14.77
C THR B 219 5.46 -12.64 -15.68
N ILE B 220 4.99 -12.79 -16.92
CA ILE B 220 5.50 -13.84 -17.80
C ILE B 220 6.02 -13.31 -19.14
N GLY B 221 6.04 -12.01 -19.36
CA GLY B 221 6.38 -11.50 -20.68
C GLY B 221 7.75 -11.94 -21.17
N LYS B 222 8.76 -11.83 -20.31
CA LYS B 222 10.12 -12.13 -20.75
C LYS B 222 10.25 -13.61 -21.14
N ASP B 223 9.64 -14.50 -20.37
CA ASP B 223 9.73 -15.93 -20.64
C ASP B 223 8.71 -16.41 -21.67
N LEU B 224 7.86 -15.52 -22.18
CA LEU B 224 6.93 -15.90 -23.24
C LEU B 224 7.24 -15.25 -24.59
N ASP B 225 7.97 -14.14 -24.62
CA ASP B 225 8.18 -13.40 -25.86
C ASP B 225 9.27 -14.04 -26.71
N PHE B 226 8.99 -15.22 -27.27
CA PHE B 226 9.94 -15.92 -28.12
C PHE B 226 9.45 -15.96 -29.56
N GLU B 227 10.32 -16.43 -30.46
CA GLU B 227 10.00 -16.48 -31.87
C GLU B 227 9.03 -17.60 -32.22
N LYS B 228 8.97 -18.66 -31.41
CA LYS B 228 7.97 -19.69 -31.61
C LYS B 228 6.56 -19.20 -31.33
N ALA B 229 6.41 -18.16 -30.50
CA ALA B 229 5.13 -17.57 -30.19
C ALA B 229 4.98 -16.16 -30.74
N LYS B 230 5.87 -15.76 -31.65
CA LYS B 230 5.83 -14.39 -32.17
C LYS B 230 4.52 -14.05 -32.88
N PRO B 231 3.96 -14.90 -33.75
CA PRO B 231 2.70 -14.49 -34.42
C PRO B 231 1.55 -14.35 -33.44
N ARG B 232 1.27 -15.39 -32.65
CA ARG B 232 0.12 -15.35 -31.73
C ARG B 232 0.21 -14.15 -30.81
N MET B 233 1.36 -13.98 -30.13
CA MET B 233 1.54 -12.83 -29.25
C MET B 233 1.24 -11.53 -29.98
N ASP B 234 1.64 -11.44 -31.25
CA ASP B 234 1.51 -10.18 -31.97
C ASP B 234 0.05 -9.77 -32.12
N GLN B 235 -0.88 -10.70 -31.90
CA GLN B 235 -2.28 -10.33 -31.88
C GLN B 235 -2.76 -9.93 -30.49
N TYR B 236 -2.33 -10.66 -29.45
CA TYR B 236 -2.81 -10.38 -28.10
C TYR B 236 -2.77 -8.89 -27.80
N PHE B 237 -1.57 -8.32 -27.77
CA PHE B 237 -1.42 -6.90 -27.52
C PHE B 237 -2.21 -6.06 -28.51
N ASN B 238 -2.16 -6.39 -29.79
CA ASN B 238 -2.93 -5.65 -30.77
C ASN B 238 -4.40 -5.62 -30.38
N GLN B 239 -4.93 -6.76 -29.93
CA GLN B 239 -6.31 -6.79 -29.49
C GLN B 239 -6.56 -5.76 -28.39
N MET B 240 -5.75 -5.78 -27.33
CA MET B 240 -6.01 -4.85 -26.24
C MET B 240 -5.68 -3.42 -26.68
N GLU B 241 -4.88 -3.27 -27.73
CA GLU B 241 -4.67 -1.93 -28.27
C GLU B 241 -5.99 -1.33 -28.70
N LYS B 242 -6.85 -2.12 -29.36
CA LYS B 242 -8.19 -1.64 -29.65
C LYS B 242 -8.91 -1.28 -28.37
N ILE B 243 -8.79 -2.12 -27.34
CA ILE B 243 -9.34 -1.77 -26.03
C ILE B 243 -8.79 -0.42 -25.59
N ILE B 244 -7.48 -0.24 -25.70
CA ILE B 244 -6.86 1.02 -25.33
C ILE B 244 -7.48 2.16 -26.11
N LYS B 245 -7.78 1.92 -27.39
CA LYS B 245 -8.35 2.97 -28.22
C LYS B 245 -9.85 3.11 -28.01
N GLU B 246 -10.53 2.08 -27.50
CA GLU B 246 -11.97 2.16 -27.37
C GLU B 246 -12.39 3.01 -26.18
N LYS B 247 -11.63 2.95 -25.08
CA LYS B 247 -11.94 3.66 -23.83
C LYS B 247 -13.32 3.30 -23.29
N LYS B 248 -13.86 2.14 -23.70
CA LYS B 248 -15.17 1.73 -23.21
C LYS B 248 -15.12 1.25 -21.77
N THR B 249 -14.02 0.62 -21.37
CA THR B 249 -13.85 0.14 -20.00
C THR B 249 -13.44 1.28 -19.09
N SER B 250 -13.33 0.97 -17.79
CA SER B 250 -12.87 1.95 -16.83
C SER B 250 -11.47 2.40 -17.18
N SER B 251 -11.12 3.63 -16.77
CA SER B 251 -9.80 4.16 -17.09
C SER B 251 -8.70 3.27 -16.54
N ARG B 252 -8.80 2.89 -15.26
CA ARG B 252 -7.73 2.16 -14.60
C ARG B 252 -7.32 0.92 -15.39
N ILE B 253 -8.30 0.25 -16.02
CA ILE B 253 -7.99 -0.90 -16.87
C ILE B 253 -7.13 -0.48 -18.05
N ARG B 254 -7.53 0.59 -18.73
CA ARG B 254 -6.72 1.13 -19.82
C ARG B 254 -5.32 1.47 -19.34
N PHE B 255 -5.22 1.93 -18.11
CA PHE B 255 -3.97 2.46 -17.61
C PHE B 255 -3.00 1.32 -17.36
N MET B 256 -3.50 0.24 -16.78
CA MET B 256 -2.70 -0.96 -16.59
C MET B 256 -2.33 -1.61 -17.92
N LEU B 257 -3.26 -1.61 -18.88
CA LEU B 257 -2.95 -2.15 -20.19
C LEU B 257 -1.86 -1.34 -20.87
N GLN B 258 -1.89 -0.03 -20.71
CA GLN B 258 -0.82 0.81 -21.24
C GLN B 258 0.50 0.49 -20.57
N ASP B 259 0.48 0.26 -19.25
CA ASP B 259 1.71 -0.14 -18.58
C ASP B 259 2.25 -1.45 -19.13
N VAL B 260 1.37 -2.44 -19.36
CA VAL B 260 1.81 -3.73 -19.90
C VAL B 260 2.39 -3.56 -21.30
N LEU B 261 1.71 -2.78 -22.14
CA LEU B 261 2.19 -2.57 -23.51
C LEU B 261 3.54 -1.87 -23.52
N ASP B 262 3.70 -0.86 -22.65
CA ASP B 262 4.98 -0.15 -22.57
C ASP B 262 6.09 -1.04 -22.05
N LEU B 263 5.77 -1.91 -21.08
CA LEU B 263 6.77 -2.87 -20.61
C LEU B 263 7.16 -3.83 -21.73
N ARG B 264 6.20 -4.23 -22.56
CA ARG B 264 6.52 -5.06 -23.72
C ARG B 264 7.45 -4.31 -24.67
N GLY B 265 7.17 -3.02 -24.91
CA GLY B 265 8.00 -2.25 -25.81
C GLY B 265 9.45 -2.14 -25.39
N SER B 266 9.73 -2.33 -24.10
CA SER B 266 11.08 -2.19 -23.56
C SER B 266 11.71 -3.53 -23.24
N ASN B 267 11.37 -4.58 -24.01
CA ASN B 267 11.94 -5.92 -23.82
C ASN B 267 11.80 -6.41 -22.39
N TRP B 268 10.63 -6.16 -21.80
CA TRP B 268 10.19 -6.80 -20.56
C TRP B 268 11.10 -6.50 -19.37
N VAL B 269 11.71 -5.32 -19.35
CA VAL B 269 12.56 -4.94 -18.22
C VAL B 269 12.28 -3.50 -17.82
MG MG D . -0.24 -43.78 -19.95
MG MG E . 2.38 -50.68 -19.29
MG MG F . -10.82 -30.37 -30.70
#